data_7X00
#
_entry.id   7X00
#
_cell.length_a   50.715
_cell.length_b   82.055
_cell.length_c   110.277
_cell.angle_alpha   90.00
_cell.angle_beta   90.00
_cell.angle_gamma   90.00
#
_symmetry.space_group_name_H-M   'P 21 21 21'
#
loop_
_entity.id
_entity.type
_entity.pdbx_description
1 polymer 'MHC class I antigen'
2 polymer Beta-2-microglobulin
3 polymer VAL-SER-PHE-ILE-GLU-PHE-VAL-GLY-TRP
4 non-polymer GLYCEROL
5 water water
#
loop_
_entity_poly.entity_id
_entity_poly.type
_entity_poly.pdbx_seq_one_letter_code
_entity_poly.pdbx_strand_id
1 'polypeptide(L)'
;GSHSMRYFYTAMSRPGRGEPRFIAVGYVDDTQFVRFDSDAASPRTEPRAPWIEQEGPEYWDGETRNMKASAQTYRENLRI
ALRYYNQSEAGSHIIQRMYGCDLGPDGRLLRGHDQSAYDGKDYIALNEDLSSWTAADTAAQITQRKWEAARVAEQLRAYL
EGLCVEWLRRYLENGKETLQRADPPKTHVTHHPVSDHEATLRCWALGFYPAEITLTWQRDGEDQTQDTELVETRPAGDRT
FQKWAAVVVPSGEEQRYTCHVQHEGLPKPLTLRWEPS
;
A
2 'polypeptide(L)'
;IQRTPKIQVYSRHPAENGKSNFLNCYVSGFHPSDIEVDLLKNGERIEKVEHSDLSFSKDWSFYLLYYTEFTPTEKDEYAC
RVNHVTLSQPKIVKWDRDM
;
B
3 'polypeptide(L)' VSFIEFVGW C
#
loop_
_chem_comp.id
_chem_comp.type
_chem_comp.name
_chem_comp.formula
GOL non-polymer GLYCEROL 'C3 H8 O3'
#
# COMPACT_ATOMS: atom_id res chain seq x y z
N GLY A 1 -0.48 -13.23 16.76
CA GLY A 1 0.08 -13.55 15.46
C GLY A 1 1.41 -12.86 15.19
N SER A 2 1.86 -12.95 13.94
CA SER A 2 3.09 -12.27 13.55
C SER A 2 2.81 -10.80 13.28
N HIS A 3 3.86 -9.99 13.40
CA HIS A 3 3.71 -8.55 13.22
C HIS A 3 4.95 -7.97 12.56
N SER A 4 4.80 -6.80 11.96
CA SER A 4 5.92 -6.16 11.28
C SER A 4 5.84 -4.66 11.46
N MET A 5 6.99 -4.02 11.38
CA MET A 5 7.09 -2.57 11.26
C MET A 5 7.88 -2.23 10.00
N ARG A 6 7.40 -1.25 9.24
CA ARG A 6 8.06 -0.82 8.02
C ARG A 6 8.05 0.69 7.89
N TYR A 7 9.17 1.25 7.47
CA TYR A 7 9.22 2.62 6.97
C TYR A 7 9.40 2.58 5.47
N PHE A 8 8.69 3.49 4.78
CA PHE A 8 8.74 3.65 3.33
C PHE A 8 9.10 5.09 3.04
N TYR A 9 10.17 5.30 2.29
CA TYR A 9 10.57 6.63 1.84
C TYR A 9 10.45 6.70 0.33
N THR A 10 9.97 7.84 -0.17
CA THR A 10 9.98 8.19 -1.59
C THR A 10 10.63 9.55 -1.74
N ALA A 11 11.66 9.64 -2.58
CA ALA A 11 12.33 10.90 -2.88
C ALA A 11 12.23 11.11 -4.38
N MET A 12 11.68 12.26 -4.79
CA MET A 12 11.31 12.51 -6.18
C MET A 12 11.94 13.84 -6.63
N SER A 13 12.88 13.76 -7.56
CA SER A 13 13.43 15.01 -8.10
C SER A 13 12.47 15.61 -9.13
N ARG A 14 12.63 16.91 -9.34
CA ARG A 14 11.71 17.66 -10.19
C ARG A 14 12.44 18.92 -10.66
N PRO A 15 13.42 18.79 -11.54
CA PRO A 15 14.22 19.95 -11.94
C PRO A 15 13.35 21.09 -12.43
N GLY A 16 13.64 22.29 -11.92
CA GLY A 16 12.87 23.48 -12.23
C GLY A 16 11.75 23.75 -11.28
N ARG A 17 11.45 22.82 -10.37
CA ARG A 17 10.34 22.94 -9.43
C ARG A 17 10.81 22.74 -8.00
N GLY A 18 12.02 23.17 -7.70
CA GLY A 18 12.55 23.09 -6.36
C GLY A 18 13.36 21.83 -6.10
N GLU A 19 13.71 21.65 -4.84
CA GLU A 19 14.45 20.49 -4.41
C GLU A 19 13.56 19.26 -4.41
N PRO A 20 14.14 18.06 -4.48
CA PRO A 20 13.33 16.84 -4.51
C PRO A 20 12.40 16.74 -3.32
N ARG A 21 11.17 16.30 -3.59
CA ARG A 21 10.23 16.03 -2.50
C ARG A 21 10.57 14.73 -1.81
N PHE A 22 10.45 14.73 -0.48
CA PHE A 22 10.70 13.55 0.34
C PHE A 22 9.44 13.28 1.17
N ILE A 23 8.89 12.08 1.01
CA ILE A 23 7.73 11.63 1.77
C ILE A 23 8.12 10.34 2.48
N ALA A 24 7.92 10.29 3.80
CA ALA A 24 8.15 9.09 4.58
C ALA A 24 6.84 8.70 5.26
N VAL A 25 6.53 7.41 5.26
CA VAL A 25 5.42 6.89 6.04
C VAL A 25 5.91 5.68 6.84
N GLY A 26 5.31 5.48 8.01
CA GLY A 26 5.60 4.31 8.83
C GLY A 26 4.32 3.51 9.05
N TYR A 27 4.46 2.18 9.03
CA TYR A 27 3.35 1.26 9.24
C TYR A 27 3.73 0.22 10.30
N VAL A 28 2.73 -0.18 11.08
CA VAL A 28 2.75 -1.45 11.81
C VAL A 28 1.72 -2.33 11.14
N ASP A 29 2.14 -3.47 10.61
CA ASP A 29 1.25 -4.34 9.83
C ASP A 29 0.60 -3.47 8.75
N ASP A 30 -0.73 -3.47 8.64
CA ASP A 30 -1.44 -2.69 7.63
C ASP A 30 -2.00 -1.39 8.18
N THR A 31 -1.41 -0.88 9.26
CA THR A 31 -1.87 0.35 9.92
C THR A 31 -0.77 1.41 9.83
N GLN A 32 -1.04 2.48 9.08
CA GLN A 32 -0.09 3.58 9.05
C GLN A 32 -0.12 4.33 10.38
N PHE A 33 1.06 4.73 10.88
CA PHE A 33 1.11 5.45 12.14
C PHE A 33 1.84 6.78 12.12
N VAL A 34 2.69 7.05 11.13
CA VAL A 34 3.34 8.35 10.99
C VAL A 34 3.47 8.73 9.52
N ARG A 35 3.60 10.05 9.29
CA ARG A 35 3.95 10.57 7.98
C ARG A 35 4.88 11.75 8.15
N PHE A 36 5.62 12.05 7.09
CA PHE A 36 6.42 13.27 6.96
C PHE A 36 6.42 13.63 5.48
N ASP A 37 6.21 14.91 5.17
CA ASP A 37 6.20 15.39 3.79
C ASP A 37 6.98 16.69 3.73
N SER A 38 8.09 16.69 3.01
CA SER A 38 8.91 17.90 2.90
C SER A 38 8.17 19.06 2.23
N ASP A 39 7.09 18.78 1.49
CA ASP A 39 6.30 19.84 0.87
C ASP A 39 5.26 20.45 1.79
N ALA A 40 5.04 19.91 2.98
CA ALA A 40 4.05 20.47 3.89
C ALA A 40 4.43 21.91 4.25
N ALA A 41 3.41 22.72 4.58
CA ALA A 41 3.68 24.10 4.96
C ALA A 41 4.69 24.17 6.10
N SER A 42 4.56 23.30 7.09
CA SER A 42 5.54 23.16 8.16
C SER A 42 5.85 21.69 8.27
N PRO A 43 6.91 21.21 7.63
CA PRO A 43 7.19 19.76 7.63
C PRO A 43 7.46 19.27 9.04
N ARG A 44 6.69 18.25 9.44
CA ARG A 44 6.86 17.61 10.73
C ARG A 44 6.46 16.15 10.60
N THR A 45 7.11 15.30 11.38
CA THR A 45 6.59 13.95 11.53
C THR A 45 5.29 14.05 12.32
N GLU A 46 4.22 13.46 11.77
CA GLU A 46 2.88 13.65 12.29
C GLU A 46 2.22 12.31 12.58
N PRO A 47 1.40 12.23 13.62
CA PRO A 47 0.69 10.98 13.93
C PRO A 47 -0.40 10.69 12.90
N ARG A 48 -0.57 9.40 12.60
CA ARG A 48 -1.63 8.95 11.72
C ARG A 48 -2.42 7.78 12.29
N ALA A 49 -2.17 7.42 13.55
CA ALA A 49 -2.94 6.41 14.28
C ALA A 49 -3.15 6.92 15.69
N PRO A 50 -4.28 6.57 16.32
CA PRO A 50 -4.55 7.14 17.65
C PRO A 50 -3.56 6.72 18.72
N TRP A 51 -3.00 5.50 18.64
CA TRP A 51 -2.16 4.98 19.71
C TRP A 51 -0.74 5.55 19.70
N ILE A 52 -0.36 6.27 18.65
CA ILE A 52 0.94 6.93 18.62
C ILE A 52 0.87 8.34 19.21
N GLU A 53 -0.33 8.90 19.35
CA GLU A 53 -0.45 10.29 19.79
C GLU A 53 0.09 10.48 21.19
N GLN A 54 0.13 9.41 21.99
CA GLN A 54 0.60 9.53 23.36
C GLN A 54 2.10 9.74 23.46
N GLU A 55 2.87 9.49 22.39
CA GLU A 55 4.30 9.74 22.46
C GLU A 55 4.54 11.22 22.74
N GLY A 56 5.60 11.52 23.49
CA GLY A 56 5.82 12.86 23.98
C GLY A 56 6.46 13.77 22.95
N PRO A 57 6.62 15.04 23.33
CA PRO A 57 7.25 16.00 22.41
C PRO A 57 8.65 15.60 21.99
N GLU A 58 9.40 14.90 22.85
CA GLU A 58 10.73 14.46 22.45
C GLU A 58 10.65 13.51 21.26
N TYR A 59 9.66 12.61 21.26
CA TYR A 59 9.46 11.73 20.11
C TYR A 59 9.20 12.53 18.84
N TRP A 60 8.25 13.47 18.89
CA TRP A 60 7.86 14.17 17.67
C TRP A 60 8.97 15.09 17.17
N ASP A 61 9.61 15.81 18.09
CA ASP A 61 10.72 16.68 17.69
C ASP A 61 11.87 15.86 17.13
N GLY A 62 12.20 14.72 17.76
CA GLY A 62 13.32 13.94 17.30
C GLY A 62 13.04 13.26 15.97
N GLU A 63 11.82 12.75 15.79
CA GLU A 63 11.48 12.15 14.50
C GLU A 63 11.43 13.20 13.40
N THR A 64 10.96 14.41 13.71
CA THR A 64 10.99 15.47 12.72
C THR A 64 12.42 15.80 12.31
N ARG A 65 13.30 16.01 13.30
CA ARG A 65 14.70 16.27 12.98
C ARG A 65 15.30 15.15 12.14
N ASN A 66 15.00 13.89 12.50
CA ASN A 66 15.60 12.78 11.78
C ASN A 66 15.10 12.70 10.36
N MET A 67 13.78 12.87 10.15
CA MET A 67 13.23 12.83 8.80
C MET A 67 13.74 13.98 7.94
N LYS A 68 13.95 15.17 8.53
CA LYS A 68 14.58 16.24 7.77
C LYS A 68 16.00 15.85 7.33
N ALA A 69 16.76 15.23 8.24
CA ALA A 69 18.11 14.79 7.87
C ALA A 69 18.04 13.72 6.77
N SER A 70 17.09 12.79 6.88
CA SER A 70 16.94 11.77 5.85
C SER A 70 16.58 12.38 4.50
N ALA A 71 15.72 13.40 4.50
CA ALA A 71 15.40 14.08 3.25
C ALA A 71 16.66 14.64 2.61
N GLN A 72 17.52 15.27 3.41
CA GLN A 72 18.78 15.77 2.88
C GLN A 72 19.65 14.65 2.30
N THR A 73 19.75 13.53 3.03
CA THR A 73 20.51 12.39 2.54
C THR A 73 19.97 11.92 1.19
N TYR A 74 18.65 11.81 1.04
CA TYR A 74 18.09 11.29 -0.20
C TYR A 74 18.17 12.28 -1.36
N ARG A 75 18.18 13.58 -1.07
CA ARG A 75 18.45 14.55 -2.13
C ARG A 75 19.88 14.38 -2.66
N GLU A 76 20.84 14.18 -1.74
CA GLU A 76 22.21 13.88 -2.16
C GLU A 76 22.26 12.58 -2.96
N ASN A 77 21.52 11.55 -2.50
CA ASN A 77 21.53 10.27 -3.21
C ASN A 77 20.99 10.41 -4.63
N LEU A 78 19.98 11.24 -4.83
CA LEU A 78 19.49 11.47 -6.19
C LEU A 78 20.58 12.06 -7.08
N ARG A 79 21.35 13.02 -6.55
CA ARG A 79 22.44 13.58 -7.35
C ARG A 79 23.50 12.51 -7.69
N ILE A 80 23.83 11.67 -6.69
CA ILE A 80 24.81 10.61 -6.88
C ILE A 80 24.33 9.64 -7.96
N ALA A 81 23.05 9.25 -7.89
CA ALA A 81 22.51 8.31 -8.85
C ALA A 81 22.64 8.83 -10.27
N LEU A 82 22.40 10.13 -10.47
CA LEU A 82 22.64 10.70 -11.80
C LEU A 82 24.05 10.40 -12.26
N ARG A 83 25.04 10.60 -11.37
CA ARG A 83 26.41 10.31 -11.79
C ARG A 83 26.60 8.83 -12.13
N TYR A 84 26.03 7.95 -11.32
CA TYR A 84 26.25 6.51 -11.50
C TYR A 84 25.61 5.97 -12.77
N TYR A 85 24.58 6.63 -13.29
CA TYR A 85 23.89 6.17 -14.49
C TYR A 85 24.13 7.07 -15.71
N ASN A 86 25.03 8.04 -15.62
CA ASN A 86 25.36 8.91 -16.76
C ASN A 86 24.14 9.71 -17.22
N GLN A 87 23.31 10.14 -16.27
CA GLN A 87 22.05 10.80 -16.59
C GLN A 87 22.17 12.31 -16.45
N SER A 88 21.34 13.02 -17.20
CA SER A 88 21.38 14.48 -17.17
C SER A 88 20.61 15.02 -15.97
N GLU A 89 20.89 16.29 -15.65
CA GLU A 89 20.20 16.98 -14.56
C GLU A 89 18.81 17.45 -14.94
N ALA A 90 18.35 17.17 -16.17
CA ALA A 90 17.05 17.66 -16.63
C ALA A 90 15.89 16.74 -16.29
N GLY A 91 16.13 15.46 -16.05
CA GLY A 91 15.06 14.52 -15.84
C GLY A 91 14.64 14.38 -14.38
N SER A 92 13.43 13.86 -14.19
CA SER A 92 12.88 13.57 -12.87
CA SER A 92 12.89 13.58 -12.87
C SER A 92 13.11 12.11 -12.55
N HIS A 93 13.61 11.83 -11.34
CA HIS A 93 13.94 10.48 -10.93
C HIS A 93 13.43 10.25 -9.52
N ILE A 94 13.33 8.96 -9.15
CA ILE A 94 12.75 8.57 -7.86
C ILE A 94 13.65 7.54 -7.18
N ILE A 95 13.98 7.79 -5.92
CA ILE A 95 14.56 6.78 -5.04
C ILE A 95 13.49 6.34 -4.06
N GLN A 96 13.40 5.03 -3.83
CA GLN A 96 12.52 4.49 -2.81
C GLN A 96 13.32 3.63 -1.86
N ARG A 97 12.86 3.60 -0.61
CA ARG A 97 13.52 2.83 0.44
C ARG A 97 12.44 2.18 1.28
N MET A 98 12.59 0.91 1.63
CA MET A 98 11.74 0.28 2.62
C MET A 98 12.61 -0.49 3.58
N TYR A 99 12.35 -0.33 4.88
CA TYR A 99 13.12 -1.08 5.87
C TYR A 99 12.25 -1.40 7.07
N GLY A 100 12.65 -2.41 7.82
CA GLY A 100 11.96 -2.69 9.05
C GLY A 100 12.16 -4.12 9.51
N CYS A 101 11.31 -4.53 10.45
CA CYS A 101 11.51 -5.78 11.17
C CYS A 101 10.22 -6.58 11.21
N ASP A 102 10.35 -7.90 11.17
CA ASP A 102 9.25 -8.85 11.30
C ASP A 102 9.49 -9.63 12.57
N LEU A 103 8.44 -9.74 13.39
CA LEU A 103 8.39 -10.59 14.59
C LEU A 103 7.43 -11.76 14.35
N GLY A 104 7.84 -12.93 14.83
CA GLY A 104 6.97 -14.08 14.81
C GLY A 104 5.97 -14.04 15.94
N PRO A 105 5.04 -15.00 15.93
CA PRO A 105 4.09 -15.08 17.05
C PRO A 105 4.78 -15.14 18.41
N ASP A 106 5.99 -15.69 18.46
CA ASP A 106 6.75 -15.69 19.71
C ASP A 106 7.01 -14.27 20.20
N GLY A 107 7.29 -13.35 19.28
CA GLY A 107 7.65 -11.98 19.65
C GLY A 107 9.10 -11.64 19.40
N ARG A 108 9.93 -12.60 18.98
CA ARG A 108 11.33 -12.32 18.70
C ARG A 108 11.50 -11.95 17.23
N LEU A 109 12.65 -11.35 16.93
CA LEU A 109 12.95 -11.03 15.55
C LEU A 109 12.91 -12.27 14.69
N LEU A 110 12.03 -12.25 13.69
CA LEU A 110 11.97 -13.24 12.64
C LEU A 110 12.92 -12.89 11.52
N ARG A 111 12.86 -11.64 11.05
CA ARG A 111 13.88 -11.20 10.09
C ARG A 111 13.83 -9.70 9.92
N GLY A 112 14.93 -9.16 9.39
CA GLY A 112 15.00 -7.74 9.10
C GLY A 112 15.05 -7.48 7.60
N HIS A 113 14.76 -6.24 7.19
CA HIS A 113 14.68 -5.85 5.81
C HIS A 113 15.26 -4.45 5.64
N ASP A 114 15.98 -4.25 4.54
CA ASP A 114 16.35 -2.90 4.10
C ASP A 114 16.62 -2.98 2.61
N GLN A 115 15.76 -2.39 1.80
CA GLN A 115 15.86 -2.45 0.36
CA GLN A 115 15.84 -2.47 0.35
C GLN A 115 15.67 -1.07 -0.22
N SER A 116 16.40 -0.78 -1.30
CA SER A 116 16.32 0.48 -2.00
C SER A 116 16.13 0.21 -3.48
N ALA A 117 15.49 1.17 -4.15
CA ALA A 117 15.19 1.14 -5.57
C ALA A 117 15.50 2.51 -6.19
N TYR A 118 15.81 2.49 -7.49
CA TYR A 118 15.98 3.69 -8.28
C TYR A 118 15.09 3.57 -9.51
N ASP A 119 14.24 4.59 -9.72
CA ASP A 119 13.31 4.61 -10.84
C ASP A 119 12.48 3.32 -10.93
N GLY A 120 12.06 2.83 -9.77
CA GLY A 120 11.15 1.70 -9.69
C GLY A 120 11.78 0.34 -9.83
N LYS A 121 13.11 0.25 -9.93
CA LYS A 121 13.83 -1.00 -10.09
C LYS A 121 14.70 -1.24 -8.88
N ASP A 122 14.80 -2.49 -8.44
CA ASP A 122 15.71 -2.85 -7.36
C ASP A 122 17.07 -2.21 -7.59
N TYR A 123 17.63 -1.64 -6.53
CA TYR A 123 18.96 -1.06 -6.56
C TYR A 123 19.90 -1.81 -5.62
N ILE A 124 19.63 -1.82 -4.32
CA ILE A 124 20.48 -2.57 -3.40
C ILE A 124 19.63 -3.08 -2.26
N ALA A 125 19.98 -4.26 -1.74
CA ALA A 125 19.22 -4.85 -0.65
C ALA A 125 20.16 -5.45 0.37
N LEU A 126 19.84 -5.25 1.65
CA LEU A 126 20.52 -5.96 2.71
C LEU A 126 20.06 -7.41 2.70
N ASN A 127 21.00 -8.34 2.75
CA ASN A 127 20.62 -9.75 2.76
C ASN A 127 20.05 -10.14 4.12
N GLU A 128 19.41 -11.31 4.15
CA GLU A 128 18.76 -11.78 5.37
C GLU A 128 19.74 -11.96 6.53
N ASP A 129 21.02 -12.20 6.23
CA ASP A 129 22.05 -12.27 7.27
C ASP A 129 22.28 -10.95 7.98
N LEU A 130 21.72 -9.85 7.49
CA LEU A 130 21.95 -8.51 8.04
C LEU A 130 23.42 -8.15 8.07
N SER A 131 24.20 -8.70 7.13
CA SER A 131 25.64 -8.52 7.12
C SER A 131 26.22 -8.34 5.72
N SER A 132 25.54 -8.74 4.67
CA SER A 132 26.03 -8.61 3.30
C SER A 132 24.93 -8.02 2.43
N TRP A 133 25.30 -7.64 1.20
CA TRP A 133 24.42 -6.88 0.32
C TRP A 133 24.25 -7.60 -1.02
N THR A 134 23.11 -7.37 -1.65
CA THR A 134 22.88 -7.76 -3.05
C THR A 134 22.65 -6.48 -3.86
N ALA A 135 23.55 -6.22 -4.80
CA ALA A 135 23.47 -5.06 -5.68
C ALA A 135 22.90 -5.50 -7.02
N ALA A 136 21.98 -4.70 -7.56
CA ALA A 136 21.26 -5.07 -8.78
C ALA A 136 22.05 -4.85 -10.06
N ASP A 137 23.07 -3.99 -10.04
CA ASP A 137 23.76 -3.58 -11.26
C ASP A 137 25.10 -2.96 -10.87
N THR A 138 25.87 -2.54 -11.88
CA THR A 138 27.23 -2.04 -11.59
C THR A 138 27.23 -0.69 -10.87
N ALA A 139 26.16 0.10 -10.96
CA ALA A 139 26.09 1.32 -10.15
C ALA A 139 25.90 0.97 -8.67
N ALA A 140 24.92 0.10 -8.39
CA ALA A 140 24.68 -0.33 -7.03
C ALA A 140 25.92 -1.01 -6.44
N GLN A 141 26.76 -1.63 -7.28
CA GLN A 141 28.00 -2.21 -6.78
C GLN A 141 28.95 -1.14 -6.24
N ILE A 142 28.91 0.06 -6.82
CA ILE A 142 29.69 1.17 -6.25
C ILE A 142 29.19 1.49 -4.86
N THR A 143 27.87 1.60 -4.74
CA THR A 143 27.31 1.82 -3.39
C THR A 143 27.68 0.68 -2.45
N GLN A 144 27.60 -0.56 -2.92
CA GLN A 144 27.93 -1.72 -2.08
C GLN A 144 29.36 -1.63 -1.57
N ARG A 145 30.31 -1.31 -2.45
CA ARG A 145 31.70 -1.18 -2.01
C ARG A 145 31.84 -0.10 -0.96
N LYS A 146 31.16 1.04 -1.16
CA LYS A 146 31.21 2.11 -0.18
C LYS A 146 30.65 1.67 1.17
N TRP A 147 29.53 0.93 1.15
CA TRP A 147 28.88 0.53 2.39
C TRP A 147 29.63 -0.57 3.10
N GLU A 148 30.30 -1.45 2.34
CA GLU A 148 31.19 -2.43 2.94
C GLU A 148 32.36 -1.73 3.63
N ALA A 149 32.96 -0.74 2.97
CA ALA A 149 34.09 -0.04 3.59
C ALA A 149 33.66 0.69 4.85
N ALA A 150 32.44 1.20 4.88
CA ALA A 150 31.94 1.95 6.04
C ALA A 150 31.24 1.07 7.07
N ARG A 151 31.17 -0.25 6.84
CA ARG A 151 30.57 -1.17 7.82
C ARG A 151 29.11 -0.80 8.10
N VAL A 152 28.39 -0.43 7.04
CA VAL A 152 27.00 0.03 7.18
C VAL A 152 26.10 -1.12 7.67
N ALA A 153 26.33 -2.32 7.16
CA ALA A 153 25.46 -3.43 7.55
C ALA A 153 25.44 -3.63 9.05
N GLU A 154 26.59 -3.43 9.72
CA GLU A 154 26.63 -3.63 11.17
C GLU A 154 25.71 -2.65 11.89
N GLN A 155 25.64 -1.41 11.42
CA GLN A 155 24.74 -0.43 12.02
C GLN A 155 23.28 -0.77 11.73
N LEU A 156 22.99 -1.20 10.49
CA LEU A 156 21.63 -1.61 10.19
C LEU A 156 21.22 -2.81 11.04
N ARG A 157 22.10 -3.80 11.16
CA ARG A 157 21.80 -4.95 12.01
C ARG A 157 21.49 -4.50 13.42
N ALA A 158 22.31 -3.59 13.98
CA ALA A 158 22.05 -3.14 15.34
C ALA A 158 20.70 -2.46 15.45
N TYR A 159 20.33 -1.64 14.46
CA TYR A 159 19.02 -1.00 14.49
C TYR A 159 17.89 -2.03 14.37
N LEU A 160 18.00 -2.92 13.39
CA LEU A 160 16.88 -3.83 13.10
C LEU A 160 16.66 -4.81 14.25
N GLU A 161 17.74 -5.29 14.88
CA GLU A 161 17.59 -6.23 15.99
C GLU A 161 17.30 -5.54 17.31
N GLY A 162 17.54 -4.24 17.40
CA GLY A 162 17.38 -3.51 18.65
C GLY A 162 16.21 -2.56 18.63
N LEU A 163 16.48 -1.31 18.27
CA LEU A 163 15.45 -0.27 18.32
C LEU A 163 14.20 -0.64 17.51
N CYS A 164 14.37 -1.23 16.33
CA CYS A 164 13.21 -1.56 15.51
C CYS A 164 12.28 -2.51 16.26
N VAL A 165 12.85 -3.59 16.81
CA VAL A 165 12.06 -4.58 17.54
C VAL A 165 11.48 -3.97 18.82
N GLU A 166 12.28 -3.20 19.55
CA GLU A 166 11.82 -2.62 20.81
C GLU A 166 10.65 -1.68 20.60
N TRP A 167 10.76 -0.80 19.60
CA TRP A 167 9.67 0.14 19.34
C TRP A 167 8.45 -0.56 18.77
N LEU A 168 8.64 -1.55 17.89
CA LEU A 168 7.49 -2.32 17.41
C LEU A 168 6.74 -2.95 18.58
N ARG A 169 7.47 -3.57 19.52
CA ARG A 169 6.80 -4.17 20.67
C ARG A 169 6.05 -3.12 21.47
N ARG A 170 6.65 -1.94 21.65
CA ARG A 170 5.97 -0.87 22.37
C ARG A 170 4.67 -0.47 21.68
N TYR A 171 4.71 -0.28 20.36
CA TYR A 171 3.51 0.09 19.61
C TYR A 171 2.45 -0.99 19.71
N LEU A 172 2.86 -2.27 19.60
CA LEU A 172 1.89 -3.35 19.67
C LEU A 172 1.20 -3.37 21.02
N GLU A 173 1.91 -3.06 22.10
CA GLU A 173 1.27 -2.99 23.40
C GLU A 173 0.33 -1.77 23.49
N ASN A 174 0.83 -0.59 23.10
CA ASN A 174 0.02 0.62 23.20
C ASN A 174 -1.18 0.59 22.27
N GLY A 175 -1.05 -0.05 21.11
CA GLY A 175 -2.14 -0.16 20.16
C GLY A 175 -2.83 -1.51 20.17
N LYS A 176 -2.74 -2.25 21.29
CA LYS A 176 -3.17 -3.64 21.28
C LYS A 176 -4.65 -3.80 20.91
N GLU A 177 -5.50 -2.85 21.28
CA GLU A 177 -6.93 -3.03 21.01
C GLU A 177 -7.24 -3.07 19.52
N THR A 178 -6.37 -2.52 18.69
CA THR A 178 -6.53 -2.54 17.23
C THR A 178 -5.46 -3.35 16.54
N LEU A 179 -4.18 -3.11 16.85
CA LEU A 179 -3.11 -3.81 16.17
C LEU A 179 -3.15 -5.31 16.43
N GLN A 180 -3.63 -5.72 17.59
CA GLN A 180 -3.70 -7.13 17.96
C GLN A 180 -5.13 -7.67 17.89
N ARG A 181 -5.98 -7.04 17.09
CA ARG A 181 -7.35 -7.51 16.87
C ARG A 181 -7.52 -7.78 15.38
N ALA A 182 -7.85 -9.03 15.04
CA ALA A 182 -8.19 -9.35 13.68
C ALA A 182 -9.71 -9.24 13.52
N ASP A 183 -10.14 -8.55 12.47
CA ASP A 183 -11.56 -8.47 12.14
C ASP A 183 -11.83 -9.42 10.99
N PRO A 184 -12.66 -10.45 11.18
CA PRO A 184 -12.87 -11.43 10.11
C PRO A 184 -13.67 -10.82 8.98
N PRO A 185 -13.54 -11.38 7.78
CA PRO A 185 -14.36 -10.90 6.66
C PRO A 185 -15.82 -11.23 6.85
N LYS A 186 -16.67 -10.30 6.42
CA LYS A 186 -18.09 -10.54 6.22
C LYS A 186 -18.22 -11.00 4.78
N THR A 187 -18.83 -12.17 4.56
CA THR A 187 -18.78 -12.82 3.27
C THR A 187 -20.16 -13.08 2.71
N HIS A 188 -20.25 -13.03 1.38
CA HIS A 188 -21.49 -13.43 0.72
C HIS A 188 -21.21 -13.65 -0.76
N VAL A 189 -22.14 -14.34 -1.43
CA VAL A 189 -22.04 -14.62 -2.86
C VAL A 189 -23.20 -13.95 -3.58
N THR A 190 -22.89 -13.21 -4.65
CA THR A 190 -23.90 -12.64 -5.52
C THR A 190 -23.91 -13.36 -6.86
N HIS A 191 -25.02 -13.21 -7.58
CA HIS A 191 -25.29 -13.92 -8.83
C HIS A 191 -25.81 -12.90 -9.82
N HIS A 192 -25.19 -12.83 -11.00
CA HIS A 192 -25.57 -11.85 -12.01
C HIS A 192 -25.61 -12.54 -13.37
N PRO A 193 -26.78 -12.81 -13.94
CA PRO A 193 -26.82 -13.42 -15.26
C PRO A 193 -26.04 -12.60 -16.28
N VAL A 194 -25.29 -13.30 -17.12
CA VAL A 194 -24.60 -12.69 -18.25
C VAL A 194 -25.39 -12.88 -19.54
N SER A 195 -26.00 -14.04 -19.69
CA SER A 195 -26.77 -14.44 -20.86
C SER A 195 -27.75 -15.51 -20.40
N ASP A 196 -28.49 -16.09 -21.35
CA ASP A 196 -29.43 -17.13 -21.01
C ASP A 196 -28.76 -18.41 -20.54
N HIS A 197 -27.46 -18.58 -20.76
CA HIS A 197 -26.80 -19.82 -20.36
C HIS A 197 -25.55 -19.61 -19.51
N GLU A 198 -25.23 -18.38 -19.13
CA GLU A 198 -24.10 -18.12 -18.24
C GLU A 198 -24.46 -17.08 -17.20
N ALA A 199 -23.84 -17.20 -16.02
CA ALA A 199 -24.03 -16.23 -14.95
C ALA A 199 -22.71 -16.02 -14.22
N THR A 200 -22.52 -14.81 -13.68
CA THR A 200 -21.36 -14.54 -12.85
C THR A 200 -21.69 -14.81 -11.39
N LEU A 201 -20.85 -15.58 -10.72
CA LEU A 201 -20.89 -15.72 -9.28
C LEU A 201 -19.73 -14.89 -8.72
N ARG A 202 -20.05 -13.99 -7.79
CA ARG A 202 -19.03 -13.12 -7.18
C ARG A 202 -19.02 -13.36 -5.68
N CYS A 203 -17.87 -13.77 -5.15
CA CYS A 203 -17.67 -14.01 -3.74
C CYS A 203 -17.02 -12.77 -3.14
N TRP A 204 -17.68 -12.20 -2.12
CA TRP A 204 -17.29 -10.95 -1.49
C TRP A 204 -16.77 -11.19 -0.09
N ALA A 205 -15.68 -10.49 0.24
CA ALA A 205 -15.15 -10.38 1.60
C ALA A 205 -15.03 -8.90 1.94
N LEU A 206 -15.69 -8.47 3.02
CA LEU A 206 -15.74 -7.06 3.39
C LEU A 206 -15.36 -6.88 4.85
N GLY A 207 -14.77 -5.73 5.17
CA GLY A 207 -14.63 -5.34 6.56
C GLY A 207 -13.56 -6.09 7.33
N PHE A 208 -12.56 -6.65 6.65
CA PHE A 208 -11.57 -7.49 7.32
C PHE A 208 -10.27 -6.73 7.59
N TYR A 209 -9.56 -7.16 8.63
CA TYR A 209 -8.27 -6.63 9.00
C TYR A 209 -7.54 -7.78 9.67
N PRO A 210 -6.27 -8.04 9.33
CA PRO A 210 -5.41 -7.34 8.37
C PRO A 210 -5.77 -7.66 6.93
N ALA A 211 -4.98 -7.12 5.98
CA ALA A 211 -5.35 -7.20 4.56
C ALA A 211 -5.17 -8.60 3.98
N GLU A 212 -4.25 -9.39 4.52
CA GLU A 212 -3.99 -10.70 3.96
C GLU A 212 -5.25 -11.57 3.98
N ILE A 213 -5.60 -12.13 2.83
CA ILE A 213 -6.79 -12.97 2.71
C ILE A 213 -6.60 -13.86 1.50
N THR A 214 -7.25 -15.03 1.51
CA THR A 214 -7.31 -15.87 0.33
C THR A 214 -8.77 -16.14 -0.01
N LEU A 215 -9.16 -15.82 -1.25
CA LEU A 215 -10.49 -16.09 -1.78
C LEU A 215 -10.29 -16.95 -3.01
N THR A 216 -10.93 -18.12 -3.05
CA THR A 216 -10.79 -19.00 -4.19
C THR A 216 -12.15 -19.59 -4.56
N TRP A 217 -12.34 -19.85 -5.85
CA TRP A 217 -13.48 -20.60 -6.32
C TRP A 217 -13.04 -22.01 -6.70
N GLN A 218 -13.86 -22.99 -6.35
CA GLN A 218 -13.71 -24.36 -6.81
C GLN A 218 -14.94 -24.78 -7.58
N ARG A 219 -14.73 -25.61 -8.61
CA ARG A 219 -15.79 -26.24 -9.36
C ARG A 219 -15.61 -27.74 -9.18
N ASP A 220 -16.64 -28.40 -8.65
CA ASP A 220 -16.53 -29.83 -8.34
C ASP A 220 -15.31 -30.09 -7.46
N GLY A 221 -14.98 -29.15 -6.58
CA GLY A 221 -13.89 -29.32 -5.65
C GLY A 221 -12.51 -29.08 -6.22
N GLU A 222 -12.40 -28.56 -7.44
CA GLU A 222 -11.12 -28.26 -8.06
C GLU A 222 -10.96 -26.75 -8.20
N ASP A 223 -9.79 -26.24 -7.83
CA ASP A 223 -9.54 -24.81 -7.92
C ASP A 223 -9.71 -24.31 -9.35
N GLN A 224 -10.33 -23.14 -9.48
CA GLN A 224 -10.57 -22.52 -10.78
C GLN A 224 -9.67 -21.32 -10.99
N THR A 225 -8.37 -21.49 -10.74
CA THR A 225 -7.46 -20.34 -10.71
C THR A 225 -7.47 -19.60 -12.05
N GLN A 226 -7.38 -20.34 -13.15
CA GLN A 226 -7.24 -19.70 -14.45
C GLN A 226 -8.54 -19.06 -14.93
N ASP A 227 -9.67 -19.38 -14.32
CA ASP A 227 -10.96 -18.87 -14.73
C ASP A 227 -11.56 -17.88 -13.72
N THR A 228 -10.80 -17.50 -12.70
CA THR A 228 -11.30 -16.61 -11.66
C THR A 228 -10.74 -15.21 -11.87
N GLU A 229 -11.63 -14.22 -11.86
CA GLU A 229 -11.22 -12.82 -11.83
C GLU A 229 -11.09 -12.40 -10.37
N LEU A 230 -9.90 -12.00 -9.97
CA LEU A 230 -9.61 -11.66 -8.58
C LEU A 230 -9.15 -10.21 -8.54
N VAL A 231 -9.92 -9.34 -7.86
CA VAL A 231 -9.49 -7.94 -7.78
C VAL A 231 -8.46 -7.78 -6.66
N GLU A 232 -7.63 -6.76 -6.80
CA GLU A 232 -6.67 -6.43 -5.76
C GLU A 232 -7.41 -6.08 -4.47
N THR A 233 -6.90 -6.57 -3.35
CA THR A 233 -7.44 -6.16 -2.05
C THR A 233 -7.34 -4.64 -1.93
N ARG A 234 -8.42 -4.02 -1.46
CA ARG A 234 -8.53 -2.57 -1.50
C ARG A 234 -8.98 -2.03 -0.16
N PRO A 235 -8.52 -0.84 0.21
CA PRO A 235 -8.88 -0.28 1.53
C PRO A 235 -10.27 0.36 1.51
N ALA A 236 -11.01 0.12 2.59
CA ALA A 236 -12.33 0.72 2.72
C ALA A 236 -12.27 2.14 3.24
N GLY A 237 -11.20 2.51 3.93
CA GLY A 237 -11.06 3.82 4.54
C GLY A 237 -11.36 3.87 6.02
N ASP A 238 -11.83 2.76 6.60
CA ASP A 238 -12.11 2.65 8.03
C ASP A 238 -11.14 1.72 8.74
N ARG A 239 -10.00 1.46 8.11
CA ARG A 239 -8.94 0.53 8.51
C ARG A 239 -9.09 -0.83 7.85
N THR A 240 -10.30 -1.19 7.43
CA THR A 240 -10.55 -2.54 6.93
C THR A 240 -10.33 -2.59 5.42
N PHE A 241 -10.41 -3.81 4.90
CA PHE A 241 -10.15 -4.09 3.50
C PHE A 241 -11.33 -4.84 2.88
N GLN A 242 -11.33 -4.87 1.55
CA GLN A 242 -12.36 -5.51 0.75
C GLN A 242 -11.69 -6.28 -0.37
N LYS A 243 -12.34 -7.37 -0.80
CA LYS A 243 -11.86 -8.12 -1.95
C LYS A 243 -13.03 -8.92 -2.52
N TRP A 244 -12.98 -9.19 -3.81
CA TRP A 244 -13.92 -10.13 -4.40
C TRP A 244 -13.24 -11.01 -5.44
N ALA A 245 -13.86 -12.17 -5.68
CA ALA A 245 -13.42 -13.13 -6.69
C ALA A 245 -14.65 -13.57 -7.47
N ALA A 246 -14.54 -13.63 -8.79
CA ALA A 246 -15.71 -13.92 -9.62
C ALA A 246 -15.40 -15.00 -10.64
N VAL A 247 -16.39 -15.83 -10.92
CA VAL A 247 -16.31 -16.82 -12.00
C VAL A 247 -17.58 -16.75 -12.83
N VAL A 248 -17.44 -17.02 -14.12
CA VAL A 248 -18.59 -17.13 -15.01
C VAL A 248 -18.89 -18.61 -15.19
N VAL A 249 -20.13 -19.00 -14.88
CA VAL A 249 -20.49 -20.41 -14.79
C VAL A 249 -21.69 -20.71 -15.69
N PRO A 250 -21.82 -21.95 -16.17
CA PRO A 250 -23.00 -22.32 -16.97
C PRO A 250 -24.25 -22.25 -16.10
N SER A 251 -25.30 -21.65 -16.64
CA SER A 251 -26.57 -21.60 -15.93
C SER A 251 -27.04 -23.01 -15.60
N GLY A 252 -27.46 -23.21 -14.36
CA GLY A 252 -27.84 -24.53 -13.89
C GLY A 252 -26.73 -25.31 -13.23
N GLU A 253 -25.48 -24.85 -13.30
CA GLU A 253 -24.38 -25.53 -12.63
C GLU A 253 -23.88 -24.75 -11.41
N GLU A 254 -24.62 -23.74 -10.95
CA GLU A 254 -24.14 -22.87 -9.89
C GLU A 254 -23.80 -23.66 -8.63
N GLN A 255 -24.56 -24.70 -8.32
CA GLN A 255 -24.30 -25.41 -7.07
C GLN A 255 -23.05 -26.26 -7.12
N ARG A 256 -22.44 -26.42 -8.28
CA ARG A 256 -21.15 -27.11 -8.39
C ARG A 256 -19.98 -26.21 -7.99
N TYR A 257 -20.23 -24.95 -7.67
CA TYR A 257 -19.19 -23.99 -7.36
C TYR A 257 -19.22 -23.62 -5.88
N THR A 258 -18.04 -23.60 -5.27
CA THR A 258 -17.89 -23.20 -3.87
C THR A 258 -16.81 -22.14 -3.75
N CYS A 259 -17.06 -21.14 -2.93
CA CYS A 259 -16.06 -20.12 -2.61
C CYS A 259 -15.44 -20.44 -1.26
N HIS A 260 -14.13 -20.27 -1.18
CA HIS A 260 -13.35 -20.65 0.01
C HIS A 260 -12.59 -19.43 0.48
N VAL A 261 -12.72 -19.13 1.77
CA VAL A 261 -12.18 -17.92 2.36
C VAL A 261 -11.26 -18.31 3.51
N GLN A 262 -10.03 -17.82 3.47
CA GLN A 262 -9.08 -17.98 4.56
C GLN A 262 -8.67 -16.60 5.04
N HIS A 263 -8.71 -16.40 6.36
CA HIS A 263 -8.32 -15.14 6.97
C HIS A 263 -7.95 -15.39 8.43
N GLU A 264 -6.96 -14.63 8.92
CA GLU A 264 -6.47 -14.81 10.28
C GLU A 264 -7.59 -14.68 11.32
N GLY A 265 -8.63 -13.90 11.01
CA GLY A 265 -9.73 -13.71 11.94
C GLY A 265 -10.75 -14.82 11.98
N LEU A 266 -10.62 -15.81 11.08
CA LEU A 266 -11.54 -16.94 11.01
C LEU A 266 -10.96 -18.12 11.76
N PRO A 267 -11.70 -18.71 12.70
CA PRO A 267 -11.20 -19.91 13.37
C PRO A 267 -10.97 -21.07 12.42
N LYS A 268 -11.72 -21.15 11.33
CA LYS A 268 -11.56 -22.18 10.33
C LYS A 268 -11.93 -21.58 9.00
N PRO A 269 -11.36 -22.05 7.89
CA PRO A 269 -11.73 -21.51 6.58
C PRO A 269 -13.23 -21.64 6.34
N LEU A 270 -13.79 -20.66 5.65
CA LEU A 270 -15.20 -20.67 5.30
C LEU A 270 -15.37 -21.26 3.91
N THR A 271 -16.47 -22.00 3.72
CA THR A 271 -16.95 -22.41 2.41
C THR A 271 -18.34 -21.83 2.24
N LEU A 272 -18.58 -21.13 1.14
CA LEU A 272 -19.92 -20.63 0.88
C LEU A 272 -20.31 -20.88 -0.57
N ARG A 273 -21.62 -20.83 -0.81
CA ARG A 273 -22.17 -21.08 -2.13
C ARG A 273 -23.24 -20.04 -2.38
N TRP A 274 -23.65 -19.93 -3.63
CA TRP A 274 -24.76 -19.03 -3.94
C TRP A 274 -26.03 -19.60 -3.34
N GLU A 275 -26.75 -18.75 -2.61
CA GLU A 275 -27.99 -19.13 -1.94
C GLU A 275 -29.13 -18.37 -2.61
N PRO A 276 -29.79 -18.97 -3.62
CA PRO A 276 -30.88 -18.25 -4.30
C PRO A 276 -31.87 -17.58 -3.37
N SER A 277 -32.09 -18.13 -2.19
CA SER A 277 -33.01 -17.52 -1.21
C SER A 277 -32.46 -16.19 -0.71
N ILE B 1 9.95 1.53 -18.22
CA ILE B 1 10.28 2.11 -16.93
C ILE B 1 9.07 2.77 -16.27
N GLN B 2 7.90 2.66 -16.90
CA GLN B 2 6.69 3.27 -16.37
C GLN B 2 5.58 2.23 -16.29
N ARG B 3 4.69 2.41 -15.32
CA ARG B 3 3.62 1.46 -15.05
C ARG B 3 2.32 2.23 -14.90
N THR B 4 1.28 1.75 -15.61
CA THR B 4 0.04 2.51 -15.63
C THR B 4 -0.84 2.13 -14.44
N PRO B 5 -1.64 3.07 -13.93
CA PRO B 5 -2.46 2.77 -12.74
C PRO B 5 -3.60 1.79 -13.02
N LYS B 6 -3.77 0.89 -12.07
CA LYS B 6 -5.03 0.21 -11.86
C LYS B 6 -5.96 1.12 -11.08
N ILE B 7 -7.26 1.00 -11.34
CA ILE B 7 -8.26 1.89 -10.77
C ILE B 7 -9.44 1.05 -10.30
N GLN B 8 -9.85 1.24 -9.04
CA GLN B 8 -11.11 0.69 -8.56
C GLN B 8 -11.92 1.80 -7.92
N VAL B 9 -13.20 1.85 -8.24
CA VAL B 9 -14.12 2.85 -7.70
C VAL B 9 -15.22 2.10 -6.97
N TYR B 10 -15.44 2.45 -5.70
CA TYR B 10 -16.30 1.63 -4.84
C TYR B 10 -16.67 2.44 -3.62
N SER B 11 -17.59 1.91 -2.81
CA SER B 11 -18.00 2.59 -1.60
C SER B 11 -17.47 1.88 -0.36
N ARG B 12 -17.34 2.65 0.72
CA ARG B 12 -16.84 2.08 1.97
C ARG B 12 -17.80 1.03 2.52
N HIS B 13 -19.09 1.31 2.48
CA HIS B 13 -20.13 0.40 2.94
C HIS B 13 -21.05 0.06 1.77
N PRO B 14 -21.76 -1.05 1.84
CA PRO B 14 -22.74 -1.36 0.78
C PRO B 14 -23.67 -0.18 0.55
N ALA B 15 -23.88 0.16 -0.71
CA ALA B 15 -24.63 1.36 -1.04
C ALA B 15 -26.12 1.21 -0.70
N GLU B 16 -26.69 2.26 -0.11
CA GLU B 16 -28.12 2.33 0.15
C GLU B 16 -28.56 3.76 -0.15
N ASN B 17 -29.42 3.90 -1.16
CA ASN B 17 -29.86 5.22 -1.57
C ASN B 17 -30.37 6.02 -0.40
N GLY B 18 -29.91 7.26 -0.27
CA GLY B 18 -30.31 8.13 0.80
C GLY B 18 -29.50 8.02 2.08
N LYS B 19 -28.56 7.08 2.16
CA LYS B 19 -27.76 6.84 3.35
C LYS B 19 -26.33 7.28 3.09
N SER B 20 -25.79 8.10 4.00
CA SER B 20 -24.45 8.63 3.82
C SER B 20 -23.42 7.51 3.81
N ASN B 21 -22.34 7.73 3.09
CA ASN B 21 -21.36 6.69 2.78
C ASN B 21 -20.08 7.41 2.36
N PHE B 22 -19.08 6.63 1.91
CA PHE B 22 -17.86 7.20 1.36
C PHE B 22 -17.61 6.59 0.00
N LEU B 23 -17.30 7.45 -0.97
CA LEU B 23 -16.91 7.05 -2.31
C LEU B 23 -15.38 7.04 -2.36
N ASN B 24 -14.83 5.91 -2.79
CA ASN B 24 -13.40 5.66 -2.84
C ASN B 24 -12.98 5.45 -4.29
N CYS B 25 -11.83 6.01 -4.62
CA CYS B 25 -11.12 5.67 -5.85
C CYS B 25 -9.72 5.26 -5.44
N TYR B 26 -9.41 3.99 -5.62
CA TYR B 26 -8.13 3.41 -5.24
C TYR B 26 -7.31 3.25 -6.50
N VAL B 27 -6.18 3.95 -6.58
CA VAL B 27 -5.28 3.86 -7.71
C VAL B 27 -4.01 3.17 -7.23
N SER B 28 -3.54 2.19 -7.99
CA SER B 28 -2.42 1.39 -7.52
C SER B 28 -1.61 0.87 -8.69
N GLY B 29 -0.43 0.36 -8.39
CA GLY B 29 0.35 -0.28 -9.42
C GLY B 29 1.07 0.65 -10.38
N PHE B 30 1.15 1.94 -10.06
CA PHE B 30 1.67 2.92 -11.01
C PHE B 30 3.07 3.38 -10.64
N HIS B 31 3.76 3.87 -11.65
CA HIS B 31 5.09 4.44 -11.50
C HIS B 31 5.34 5.28 -12.75
N PRO B 32 5.82 6.53 -12.62
CA PRO B 32 6.21 7.23 -11.39
C PRO B 32 5.02 7.71 -10.55
N SER B 33 5.30 8.47 -9.49
CA SER B 33 4.28 8.73 -8.47
C SER B 33 3.32 9.87 -8.82
N ASP B 34 3.69 10.78 -9.71
CA ASP B 34 2.79 11.89 -10.02
C ASP B 34 1.54 11.35 -10.68
N ILE B 35 0.38 11.79 -10.19
CA ILE B 35 -0.88 11.28 -10.68
C ILE B 35 -1.95 12.30 -10.33
N GLU B 36 -2.94 12.43 -11.20
CA GLU B 36 -4.05 13.33 -10.94
C GLU B 36 -5.33 12.51 -10.84
N VAL B 37 -6.05 12.66 -9.75
CA VAL B 37 -7.26 11.89 -9.51
C VAL B 37 -8.36 12.86 -9.11
N ASP B 38 -9.48 12.79 -9.82
CA ASP B 38 -10.68 13.55 -9.48
C ASP B 38 -11.83 12.59 -9.27
N LEU B 39 -12.69 12.90 -8.32
CA LEU B 39 -13.97 12.23 -8.19
C LEU B 39 -15.02 13.12 -8.81
N LEU B 40 -15.93 12.51 -9.57
CA LEU B 40 -16.92 13.23 -10.36
C LEU B 40 -18.31 12.80 -9.92
N LYS B 41 -19.19 13.81 -9.80
CA LYS B 41 -20.62 13.61 -9.58
C LYS B 41 -21.32 14.18 -10.79
N ASN B 42 -21.98 13.31 -11.56
CA ASN B 42 -22.68 13.72 -12.77
C ASN B 42 -21.75 14.53 -13.69
N GLY B 43 -20.51 14.07 -13.80
CA GLY B 43 -19.54 14.67 -14.70
C GLY B 43 -18.77 15.85 -14.13
N GLU B 44 -19.11 16.34 -12.94
CA GLU B 44 -18.51 17.54 -12.38
C GLU B 44 -17.56 17.17 -11.24
N ARG B 45 -16.45 17.90 -11.16
CA ARG B 45 -15.43 17.59 -10.16
C ARG B 45 -15.95 17.89 -8.77
N ILE B 46 -15.84 16.90 -7.87
CA ILE B 46 -16.19 17.10 -6.46
C ILE B 46 -15.06 17.84 -5.78
N GLU B 47 -15.39 18.89 -5.04
CA GLU B 47 -14.37 19.77 -4.50
C GLU B 47 -13.70 19.20 -3.24
N LYS B 48 -14.48 18.60 -2.35
CA LYS B 48 -13.93 18.09 -1.10
C LYS B 48 -13.55 16.63 -1.29
N VAL B 49 -12.31 16.42 -1.70
CA VAL B 49 -11.76 15.07 -1.87
C VAL B 49 -10.43 15.02 -1.12
N GLU B 50 -10.29 14.02 -0.26
CA GLU B 50 -9.04 13.80 0.45
C GLU B 50 -8.33 12.58 -0.11
N HIS B 51 -7.06 12.44 0.26
CA HIS B 51 -6.32 11.26 -0.18
C HIS B 51 -5.34 10.82 0.89
N SER B 52 -4.95 9.55 0.78
CA SER B 52 -3.98 8.95 1.69
C SER B 52 -2.58 9.46 1.38
N ASP B 53 -1.66 9.19 2.30
CA ASP B 53 -0.26 9.55 2.12
C ASP B 53 0.42 8.55 1.18
N LEU B 54 1.27 9.07 0.29
CA LEU B 54 1.92 8.23 -0.71
C LEU B 54 2.69 7.08 -0.07
N SER B 55 2.37 5.87 -0.52
CA SER B 55 3.13 4.68 -0.13
C SER B 55 3.24 3.78 -1.35
N PHE B 56 3.88 2.63 -1.17
CA PHE B 56 4.13 1.76 -2.29
C PHE B 56 4.16 0.30 -1.84
N SER B 57 4.00 -0.58 -2.83
CA SER B 57 3.94 -2.01 -2.66
C SER B 57 5.33 -2.63 -2.78
N LYS B 58 5.39 -3.95 -2.56
CA LYS B 58 6.67 -4.64 -2.56
C LYS B 58 7.36 -4.57 -3.91
N ASP B 59 6.62 -4.35 -4.98
CA ASP B 59 7.21 -4.21 -6.31
C ASP B 59 7.56 -2.77 -6.66
N TRP B 60 7.52 -1.87 -5.67
CA TRP B 60 7.86 -0.47 -5.80
C TRP B 60 6.76 0.37 -6.44
N SER B 61 5.65 -0.23 -6.88
CA SER B 61 4.60 0.57 -7.49
C SER B 61 3.80 1.30 -6.40
N PHE B 62 3.34 2.49 -6.74
CA PHE B 62 2.67 3.35 -5.78
C PHE B 62 1.18 3.02 -5.66
N TYR B 63 0.60 3.40 -4.52
CA TYR B 63 -0.84 3.35 -4.35
C TYR B 63 -1.34 4.53 -3.54
N LEU B 64 -2.56 4.96 -3.86
CA LEU B 64 -3.24 6.06 -3.18
C LEU B 64 -4.73 5.77 -3.13
N LEU B 65 -5.36 6.17 -2.02
CA LEU B 65 -6.81 6.15 -1.89
C LEU B 65 -7.31 7.59 -1.88
N TYR B 66 -8.19 7.93 -2.82
CA TYR B 66 -8.91 9.20 -2.82
C TYR B 66 -10.33 8.93 -2.37
N TYR B 67 -10.89 9.83 -1.56
CA TYR B 67 -12.19 9.51 -0.99
C TYR B 67 -12.96 10.77 -0.63
N THR B 68 -14.28 10.64 -0.62
CA THR B 68 -15.14 11.75 -0.26
C THR B 68 -16.43 11.19 0.32
N GLU B 69 -17.04 11.95 1.23
CA GLU B 69 -18.33 11.56 1.76
C GLU B 69 -19.40 11.83 0.70
N PHE B 70 -20.36 10.92 0.58
CA PHE B 70 -21.44 11.12 -0.38
C PHE B 70 -22.67 10.35 0.06
N THR B 71 -23.82 10.78 -0.46
CA THR B 71 -25.06 10.06 -0.21
C THR B 71 -25.60 9.58 -1.55
N PRO B 72 -25.48 8.29 -1.86
CA PRO B 72 -25.91 7.81 -3.17
C PRO B 72 -27.43 7.90 -3.34
N THR B 73 -27.83 8.13 -4.58
CA THR B 73 -29.23 8.13 -4.97
C THR B 73 -29.39 7.22 -6.18
N GLU B 74 -30.64 6.99 -6.58
CA GLU B 74 -30.88 6.14 -7.74
C GLU B 74 -30.30 6.78 -9.01
N LYS B 75 -30.38 8.10 -9.13
CA LYS B 75 -30.08 8.77 -10.39
C LYS B 75 -28.67 9.31 -10.50
N ASP B 76 -28.04 9.70 -9.39
CA ASP B 76 -26.74 10.34 -9.47
C ASP B 76 -25.68 9.35 -9.94
N GLU B 77 -24.83 9.81 -10.85
CA GLU B 77 -23.73 9.01 -11.39
C GLU B 77 -22.42 9.51 -10.80
N TYR B 78 -21.60 8.58 -10.34
CA TYR B 78 -20.29 8.92 -9.80
C TYR B 78 -19.21 8.23 -10.62
N ALA B 79 -18.03 8.84 -10.62
CA ALA B 79 -16.93 8.29 -11.41
C ALA B 79 -15.62 8.80 -10.84
N CYS B 80 -14.53 8.16 -11.25
CA CYS B 80 -13.18 8.60 -10.94
C CYS B 80 -12.45 8.85 -12.25
N ARG B 81 -11.79 9.99 -12.35
CA ARG B 81 -11.02 10.37 -13.53
C ARG B 81 -9.55 10.44 -13.14
N VAL B 82 -8.71 9.70 -13.85
CA VAL B 82 -7.31 9.53 -13.50
C VAL B 82 -6.46 9.96 -14.68
N ASN B 83 -5.44 10.76 -14.43
CA ASN B 83 -4.44 11.09 -15.43
C ASN B 83 -3.06 10.75 -14.89
N HIS B 84 -2.21 10.23 -15.78
CA HIS B 84 -0.89 9.73 -15.45
C HIS B 84 -0.07 9.80 -16.72
N VAL B 85 1.25 9.88 -16.56
CA VAL B 85 2.12 10.03 -17.74
C VAL B 85 1.95 8.88 -18.72
N THR B 86 1.54 7.70 -18.23
CA THR B 86 1.36 6.52 -19.08
C THR B 86 0.09 6.59 -19.91
N LEU B 87 -0.79 7.56 -19.68
CA LEU B 87 -2.07 7.64 -20.36
C LEU B 87 -2.04 8.71 -21.42
N SER B 88 -2.57 8.39 -22.60
CA SER B 88 -2.67 9.40 -23.65
C SER B 88 -3.85 10.34 -23.44
N GLN B 89 -4.82 9.94 -22.62
CA GLN B 89 -5.93 10.79 -22.23
C GLN B 89 -6.42 10.31 -20.87
N PRO B 90 -7.11 11.16 -20.12
CA PRO B 90 -7.59 10.73 -18.80
C PRO B 90 -8.52 9.54 -18.92
N LYS B 91 -8.38 8.61 -17.99
CA LYS B 91 -9.21 7.41 -17.91
C LYS B 91 -10.32 7.66 -16.91
N ILE B 92 -11.57 7.46 -17.34
CA ILE B 92 -12.72 7.61 -16.46
C ILE B 92 -13.28 6.23 -16.17
N VAL B 93 -13.43 5.91 -14.89
CA VAL B 93 -14.04 4.66 -14.44
C VAL B 93 -15.29 5.01 -13.66
N LYS B 94 -16.43 4.51 -14.10
CA LYS B 94 -17.69 4.82 -13.44
C LYS B 94 -17.87 3.94 -12.20
N TRP B 95 -18.54 4.49 -11.20
CA TRP B 95 -18.88 3.71 -10.02
C TRP B 95 -20.02 2.74 -10.36
N ASP B 96 -19.79 1.46 -10.09
CA ASP B 96 -20.78 0.41 -10.25
C ASP B 96 -21.01 -0.19 -8.87
N ARG B 97 -22.19 0.03 -8.30
CA ARG B 97 -22.46 -0.38 -6.93
C ARG B 97 -22.25 -1.87 -6.67
N ASP B 98 -22.12 -2.68 -7.73
CA ASP B 98 -21.93 -4.12 -7.59
C ASP B 98 -20.49 -4.56 -7.84
N MET B 99 -19.54 -3.63 -7.82
CA MET B 99 -18.14 -3.94 -8.12
C MET B 99 -17.18 -3.43 -7.06
N VAL C 1 10.34 3.91 15.76
CA VAL C 1 11.31 5.01 15.60
C VAL C 1 12.25 4.78 14.42
N SER C 2 12.48 5.83 13.63
CA SER C 2 13.12 5.68 12.34
C SER C 2 14.64 5.58 12.45
N PHE C 3 15.23 4.96 11.42
CA PHE C 3 16.68 4.79 11.32
C PHE C 3 17.36 6.14 11.08
N ILE C 4 18.54 6.32 11.67
CA ILE C 4 19.32 7.54 11.50
C ILE C 4 20.34 7.31 10.37
N GLU C 5 20.19 8.03 9.26
CA GLU C 5 21.12 7.89 8.16
C GLU C 5 22.51 8.36 8.57
N PHE C 6 23.52 7.73 8.01
CA PHE C 6 24.90 8.17 8.25
C PHE C 6 25.80 7.99 7.05
N VAL C 7 25.33 7.40 5.95
CA VAL C 7 26.13 7.21 4.76
C VAL C 7 25.22 7.43 3.56
N GLY C 8 25.79 7.94 2.47
CA GLY C 8 25.07 8.10 1.23
C GLY C 8 25.38 6.99 0.24
N TRP C 9 24.75 7.10 -0.93
CA TRP C 9 24.98 6.19 -2.03
C TRP C 9 26.39 6.31 -2.64
C1 GOL D . 2.85 -3.24 4.77
O1 GOL D . 3.90 -2.94 5.60
C2 GOL D . 1.95 -1.98 4.58
O2 GOL D . 2.34 -1.24 3.53
C3 GOL D . 0.57 -2.64 4.41
O3 GOL D . -0.41 -1.69 4.15
H11 GOL D . 3.15 -3.54 3.90
H12 GOL D . 2.30 -3.96 5.12
HO1 GOL D . 4.43 -3.60 5.58
H2 GOL D . 1.97 -1.36 5.33
HO2 GOL D . 2.62 -1.77 2.92
H31 GOL D . 0.65 -3.30 3.70
H32 GOL D . 0.38 -3.15 5.21
HO3 GOL D . -1.15 -2.10 4.12
#